data_1H4V
#
_entry.id   1H4V
#
_cell.length_a   111.130
_cell.length_b   102.150
_cell.length_c   91.510
_cell.angle_alpha   90.00
_cell.angle_beta   90.00
_cell.angle_gamma   90.00
#
_symmetry.space_group_name_H-M   'C 2 2 21'
#
loop_
_entity.id
_entity.type
_entity.pdbx_description
1 polymer 'HISTIDYL-TRNA SYNTHETASE'
2 non-polymer 'SULFATE ION'
3 water water
#
_entity_poly.entity_id   1
_entity_poly.type   'polypeptide(L)'
_entity_poly.pdbx_seq_one_letter_code
;MTARAVRGTKDLFGKELRMHQRIVATARKVLEAAGALELVTPIFEETQVFEKGVGAATDIVRKEMFTFQDRGGRSLTLRP
EGTAAMVRAYLEHGMKVWPQPVRLWMAGPMFRAERPQKGRYRQFHQVNYEALGSENPILDAEAVVLLYECLKELGLRRLK
VKLSSVGDPEDRARYNAYLREVLSPHREALSEDSKERLEENPMRILDSKSERDQALLKELGVRPMLDFLGEEARAHLKEV
ERHLERLSVPYELEPALVRGLDYYVRTAFEVHHEEIGAQSALGGGGRYDGLSELLGGPRVPGVGFAFGVERVALALEAEG
FGLPEEKGPDLYLIPLTEEAVAEAFYLAEALRPRLRAEYALAPRKPAKGLEEALKRGAAFAGFLGEDELRAGEVTLKRLA
TGEQVRLSREEVPGYLLQALG
;
_entity_poly.pdbx_strand_id   B
#
loop_
_chem_comp.id
_chem_comp.type
_chem_comp.name
_chem_comp.formula
SO4 non-polymer 'SULFATE ION' 'O4 S -2'
#
# COMPACT_ATOMS: atom_id res chain seq x y z
N THR A 2 13.00 -21.01 -17.86
CA THR A 2 12.92 -22.06 -16.79
C THR A 2 12.51 -21.46 -15.45
N ALA A 3 13.44 -20.74 -14.82
CA ALA A 3 13.17 -20.13 -13.54
C ALA A 3 11.96 -19.18 -13.60
N ARG A 4 11.08 -19.32 -12.63
CA ARG A 4 9.88 -18.47 -12.57
C ARG A 4 9.96 -17.64 -11.30
N ALA A 5 9.12 -16.63 -11.21
CA ALA A 5 9.09 -15.80 -10.01
C ALA A 5 8.72 -16.73 -8.86
N VAL A 6 9.44 -16.62 -7.75
CA VAL A 6 9.20 -17.44 -6.56
C VAL A 6 7.74 -17.32 -6.13
N ARG A 7 7.18 -18.43 -5.65
CA ARG A 7 5.77 -18.43 -5.21
C ARG A 7 5.53 -17.38 -4.15
N GLY A 8 4.43 -16.65 -4.28
CA GLY A 8 4.12 -15.61 -3.31
C GLY A 8 4.57 -14.25 -3.82
N THR A 9 5.22 -14.25 -4.98
CA THR A 9 5.71 -13.01 -5.58
C THR A 9 5.26 -12.99 -7.05
N LYS A 10 5.30 -11.83 -7.68
CA LYS A 10 4.90 -11.74 -9.07
C LYS A 10 5.28 -10.42 -9.72
N ASP A 11 5.46 -10.46 -11.04
CA ASP A 11 5.80 -9.26 -11.79
C ASP A 11 4.54 -8.44 -11.92
N LEU A 12 4.71 -7.13 -11.92
CA LEU A 12 3.58 -6.23 -12.08
C LEU A 12 3.79 -5.41 -13.36
N PHE A 13 2.86 -5.52 -14.29
CA PHE A 13 2.93 -4.76 -15.53
C PHE A 13 1.53 -4.65 -16.09
N GLY A 14 1.34 -3.86 -17.14
CA GLY A 14 0.00 -3.71 -17.70
C GLY A 14 -1.00 -3.14 -16.69
N LYS A 15 -2.23 -3.63 -16.76
CA LYS A 15 -3.27 -3.14 -15.87
C LYS A 15 -3.05 -3.33 -14.37
N GLU A 16 -2.51 -4.48 -13.98
CA GLU A 16 -2.27 -4.75 -12.58
C GLU A 16 -1.35 -3.66 -12.00
N LEU A 17 -0.28 -3.34 -12.71
CA LEU A 17 0.65 -2.33 -12.25
C LEU A 17 -0.06 -0.98 -12.17
N ARG A 18 -0.83 -0.65 -13.20
CA ARG A 18 -1.54 0.62 -13.24
C ARG A 18 -2.52 0.75 -12.09
N MET A 19 -3.14 -0.37 -11.71
CA MET A 19 -4.07 -0.34 -10.59
C MET A 19 -3.31 -0.01 -9.30
N HIS A 20 -2.15 -0.65 -9.10
CA HIS A 20 -1.33 -0.41 -7.93
C HIS A 20 -0.87 1.06 -7.87
N GLN A 21 -0.49 1.59 -9.02
CA GLN A 21 -0.03 2.97 -9.07
C GLN A 21 -1.16 3.96 -8.77
N ARG A 22 -2.38 3.62 -9.15
CA ARG A 22 -3.52 4.48 -8.89
C ARG A 22 -3.78 4.51 -7.40
N ILE A 23 -3.78 3.32 -6.80
CA ILE A 23 -4.01 3.18 -5.38
C ILE A 23 -3.01 4.00 -4.58
N VAL A 24 -1.73 3.86 -4.91
CA VAL A 24 -0.70 4.59 -4.19
C VAL A 24 -0.82 6.10 -4.47
N ALA A 25 -1.10 6.47 -5.73
CA ALA A 25 -1.24 7.89 -6.08
C ALA A 25 -2.39 8.51 -5.30
N THR A 26 -3.45 7.75 -5.07
CA THR A 26 -4.57 8.24 -4.30
C THR A 26 -4.20 8.45 -2.83
N ALA A 27 -3.49 7.48 -2.26
CA ALA A 27 -3.07 7.61 -0.87
C ALA A 27 -2.16 8.83 -0.76
N ARG A 28 -1.26 8.99 -1.73
CA ARG A 28 -0.35 10.13 -1.70
C ARG A 28 -1.13 11.44 -1.67
N LYS A 29 -2.18 11.55 -2.49
CA LYS A 29 -2.97 12.78 -2.54
C LYS A 29 -3.67 13.08 -1.21
N VAL A 30 -4.36 12.09 -0.65
CA VAL A 30 -5.08 12.33 0.60
C VAL A 30 -4.15 12.50 1.80
N LEU A 31 -3.10 11.68 1.88
CA LEU A 31 -2.17 11.77 3.01
C LEU A 31 -1.32 13.03 2.98
N GLU A 32 -0.91 13.49 1.80
CA GLU A 32 -0.08 14.69 1.76
C GLU A 32 -0.92 15.97 1.92
N ALA A 33 -2.24 15.85 1.72
CA ALA A 33 -3.12 17.00 1.89
C ALA A 33 -3.33 17.17 3.38
N ALA A 34 -3.11 16.12 4.15
CA ALA A 34 -3.26 16.20 5.60
C ALA A 34 -1.93 16.44 6.29
N GLY A 35 -0.93 16.83 5.50
CA GLY A 35 0.38 17.12 6.07
C GLY A 35 1.39 16.00 6.18
N ALA A 36 1.03 14.77 5.83
CA ALA A 36 2.00 13.68 5.95
C ALA A 36 3.18 13.88 5.00
N LEU A 37 4.38 13.57 5.48
CA LEU A 37 5.61 13.68 4.71
C LEU A 37 5.97 12.29 4.18
N GLU A 38 6.36 12.18 2.91
CA GLU A 38 6.69 10.86 2.39
C GLU A 38 8.05 10.37 2.84
N LEU A 39 8.09 9.13 3.28
CA LEU A 39 9.32 8.53 3.76
C LEU A 39 9.52 7.14 3.14
N VAL A 40 10.73 6.86 2.67
CA VAL A 40 11.04 5.54 2.12
C VAL A 40 12.16 4.91 2.95
N THR A 41 11.86 3.81 3.64
CA THR A 41 12.89 3.15 4.44
C THR A 41 13.52 2.03 3.62
N PRO A 42 14.64 1.47 4.11
CA PRO A 42 15.29 0.39 3.37
C PRO A 42 14.48 -0.91 3.33
N ILE A 43 14.78 -1.74 2.35
CA ILE A 43 14.11 -3.02 2.19
C ILE A 43 14.43 -3.95 3.36
N PHE A 44 15.63 -3.84 3.92
CA PHE A 44 16.01 -4.67 5.06
C PHE A 44 16.63 -3.82 6.16
N GLU A 45 16.59 -4.35 7.38
CA GLU A 45 17.14 -3.67 8.55
C GLU A 45 17.65 -4.68 9.55
N GLU A 46 18.25 -4.18 10.63
CA GLU A 46 18.74 -5.07 11.66
C GLU A 46 17.51 -5.77 12.22
N THR A 47 17.62 -7.07 12.39
CA THR A 47 16.54 -7.90 12.91
C THR A 47 15.85 -7.34 14.15
N GLN A 48 16.64 -6.77 15.05
CA GLN A 48 16.07 -6.23 16.29
C GLN A 48 15.03 -5.13 16.06
N VAL A 49 15.09 -4.47 14.90
CA VAL A 49 14.13 -3.41 14.62
C VAL A 49 12.72 -3.99 14.61
N PHE A 50 12.63 -5.23 14.11
CA PHE A 50 11.34 -5.90 13.99
C PHE A 50 10.95 -6.92 15.03
N GLU A 51 11.78 -7.12 16.06
CA GLU A 51 11.44 -8.06 17.13
C GLU A 51 10.40 -7.36 18.03
N LYS A 52 9.34 -8.08 18.40
CA LYS A 52 8.28 -7.50 19.20
C LYS A 52 8.42 -7.59 20.72
N GLY A 53 9.45 -8.29 21.19
CA GLY A 53 9.63 -8.41 22.63
C GLY A 53 9.92 -9.84 23.03
N VAL A 54 10.25 -10.05 24.30
CA VAL A 54 10.56 -11.38 24.78
C VAL A 54 9.32 -12.21 25.07
N GLY A 55 9.18 -13.29 24.30
CA GLY A 55 8.04 -14.19 24.45
C GLY A 55 8.01 -15.15 23.27
N ALA A 56 8.39 -16.41 23.51
CA ALA A 56 8.40 -17.41 22.45
C ALA A 56 7.05 -17.57 21.79
N LYS A 63 9.63 -17.23 12.55
CA LYS A 63 9.63 -18.14 11.41
C LYS A 63 9.00 -17.47 10.21
N GLU A 64 8.16 -16.49 10.47
CA GLU A 64 7.46 -15.76 9.42
C GLU A 64 8.13 -14.48 8.94
N MET A 65 9.45 -14.40 9.07
CA MET A 65 10.23 -13.23 8.63
C MET A 65 11.48 -13.71 7.90
N PHE A 66 11.80 -13.07 6.77
CA PHE A 66 13.01 -13.44 6.04
C PHE A 66 14.18 -12.77 6.74
N THR A 67 14.99 -13.59 7.40
CA THR A 67 16.14 -13.09 8.14
C THR A 67 17.42 -13.72 7.58
N PHE A 68 18.53 -13.03 7.75
CA PHE A 68 19.79 -13.53 7.27
C PHE A 68 20.90 -12.62 7.75
N GLN A 69 22.13 -13.10 7.73
CA GLN A 69 23.23 -12.25 8.17
C GLN A 69 24.14 -11.98 6.99
N ASP A 70 24.61 -10.73 6.90
CA ASP A 70 25.50 -10.34 5.83
C ASP A 70 26.94 -10.69 6.18
N ARG A 71 27.86 -10.27 5.33
CA ARG A 71 29.27 -10.53 5.57
C ARG A 71 29.64 -9.72 6.82
N GLY A 72 29.75 -10.40 7.94
CA GLY A 72 30.08 -9.73 9.18
C GLY A 72 29.31 -10.32 10.35
N GLY A 73 28.33 -11.15 10.04
CA GLY A 73 27.54 -11.78 11.08
C GLY A 73 26.30 -11.04 11.54
N ARG A 74 26.23 -9.74 11.24
CA ARG A 74 25.08 -8.94 11.65
C ARG A 74 23.77 -9.54 11.13
N SER A 75 22.80 -9.69 12.01
CA SER A 75 21.51 -10.24 11.61
C SER A 75 20.71 -9.17 10.86
N LEU A 76 20.22 -9.52 9.68
CA LEU A 76 19.45 -8.61 8.84
C LEU A 76 18.09 -9.22 8.53
N THR A 77 17.06 -8.39 8.44
CA THR A 77 15.71 -8.88 8.15
C THR A 77 14.97 -8.06 7.08
N LEU A 78 14.32 -8.74 6.16
CA LEU A 78 13.54 -8.09 5.11
C LEU A 78 12.32 -7.46 5.78
N ARG A 79 12.07 -6.20 5.49
CA ARG A 79 10.95 -5.46 6.08
C ARG A 79 9.61 -6.23 6.05
N PRO A 80 9.08 -6.57 7.23
CA PRO A 80 7.80 -7.30 7.38
C PRO A 80 6.62 -6.38 7.67
N GLU A 81 6.93 -5.17 8.13
CA GLU A 81 5.90 -4.18 8.48
C GLU A 81 6.49 -2.80 8.28
N GLY A 82 5.65 -1.77 8.34
CA GLY A 82 6.15 -0.42 8.14
C GLY A 82 6.36 0.41 9.39
N THR A 83 5.49 0.24 10.38
CA THR A 83 5.54 1.02 11.62
C THR A 83 6.88 1.09 12.35
N ALA A 84 7.46 -0.06 12.69
CA ALA A 84 8.73 -0.07 13.39
C ALA A 84 9.83 0.64 12.59
N ALA A 85 9.82 0.46 11.28
CA ALA A 85 10.82 1.10 10.41
C ALA A 85 10.66 2.61 10.43
N MET A 86 9.42 3.08 10.44
CA MET A 86 9.14 4.51 10.46
C MET A 86 9.53 5.12 11.79
N VAL A 87 9.20 4.43 12.88
CA VAL A 87 9.57 4.89 14.22
C VAL A 87 11.09 4.94 14.31
N ARG A 88 11.75 3.92 13.75
CA ARG A 88 13.20 3.85 13.75
C ARG A 88 13.79 5.03 12.98
N ALA A 89 13.07 5.49 11.97
CA ALA A 89 13.52 6.62 11.17
C ALA A 89 13.30 7.94 11.93
N TYR A 90 12.17 8.04 12.62
CA TYR A 90 11.83 9.23 13.39
C TYR A 90 12.93 9.46 14.44
N LEU A 91 13.40 8.35 15.00
CA LEU A 91 14.46 8.37 16.00
C LEU A 91 15.81 8.73 15.39
N GLU A 92 16.18 8.04 14.32
CA GLU A 92 17.47 8.27 13.69
C GLU A 92 17.69 9.71 13.22
N HIS A 93 16.64 10.34 12.68
CA HIS A 93 16.78 11.69 12.19
C HIS A 93 16.38 12.81 13.14
N GLY A 94 16.22 12.46 14.41
CA GLY A 94 15.85 13.43 15.40
C GLY A 94 14.60 14.22 15.05
N MET A 95 13.57 13.53 14.59
CA MET A 95 12.34 14.20 14.22
C MET A 95 11.63 14.69 15.49
N LYS A 96 12.12 14.27 16.65
CA LYS A 96 11.52 14.70 17.92
C LYS A 96 11.66 16.22 18.05
N VAL A 97 12.62 16.79 17.33
CA VAL A 97 12.89 18.22 17.35
C VAL A 97 11.94 19.00 16.44
N TRP A 98 11.31 18.31 15.50
CA TRP A 98 10.38 18.95 14.58
C TRP A 98 9.08 19.31 15.28
N PRO A 99 8.25 20.16 14.65
CA PRO A 99 7.00 20.49 15.31
C PRO A 99 6.16 19.21 15.38
N GLN A 100 5.63 18.93 16.55
CA GLN A 100 4.85 17.72 16.77
C GLN A 100 3.35 17.94 16.65
N PRO A 101 2.61 16.93 16.16
CA PRO A 101 3.14 15.63 15.76
C PRO A 101 3.76 15.59 14.36
N VAL A 102 4.58 14.58 14.12
CA VAL A 102 5.20 14.42 12.82
C VAL A 102 4.35 13.38 12.09
N ARG A 103 3.81 13.75 10.95
CA ARG A 103 2.98 12.84 10.19
C ARG A 103 3.81 12.27 9.03
N LEU A 104 3.84 10.96 8.93
CA LEU A 104 4.62 10.30 7.87
C LEU A 104 3.80 9.26 7.14
N TRP A 105 4.14 9.02 5.88
CA TRP A 105 3.45 8.00 5.13
C TRP A 105 4.47 7.34 4.23
N MET A 106 4.17 6.12 3.82
CA MET A 106 5.06 5.35 2.99
C MET A 106 4.29 4.26 2.26
N ALA A 107 4.79 3.92 1.08
CA ALA A 107 4.20 2.86 0.29
C ALA A 107 5.37 2.01 -0.16
N GLY A 108 5.25 0.70 -0.06
CA GLY A 108 6.35 -0.13 -0.49
C GLY A 108 6.14 -1.61 -0.23
N PRO A 109 7.07 -2.45 -0.66
CA PRO A 109 6.92 -3.89 -0.45
C PRO A 109 7.19 -4.34 0.99
N MET A 110 6.51 -5.42 1.39
CA MET A 110 6.68 -6.03 2.70
C MET A 110 6.93 -7.51 2.39
N PHE A 111 7.53 -8.19 3.34
CA PHE A 111 7.89 -9.59 3.16
C PHE A 111 7.41 -10.45 4.31
N ARG A 112 6.71 -11.51 3.93
CA ARG A 112 6.09 -12.46 4.84
C ARG A 112 6.60 -13.84 4.40
N ALA A 113 7.13 -14.63 5.32
CA ALA A 113 7.64 -15.93 4.94
C ALA A 113 6.66 -17.08 5.20
N GLU A 114 5.72 -17.30 4.29
CA GLU A 114 4.76 -18.37 4.38
C GLU A 114 5.21 -19.44 3.40
N ARG A 115 4.56 -20.60 3.44
CA ARG A 115 4.94 -21.68 2.52
C ARG A 115 4.46 -21.34 1.13
N PRO A 116 5.37 -21.46 0.14
CA PRO A 116 4.96 -21.15 -1.24
C PRO A 116 3.92 -22.19 -1.68
N TYR A 121 0.45 -14.22 -0.59
CA TYR A 121 1.56 -13.36 -0.98
C TYR A 121 2.69 -13.38 0.03
N ARG A 122 3.92 -13.56 -0.44
CA ARG A 122 5.08 -13.55 0.44
C ARG A 122 5.70 -12.16 0.28
N GLN A 123 5.41 -11.54 -0.86
CA GLN A 123 5.83 -10.16 -1.10
C GLN A 123 4.54 -9.42 -1.43
N PHE A 124 4.17 -8.46 -0.61
CA PHE A 124 2.98 -7.68 -0.88
C PHE A 124 3.36 -6.22 -0.71
N HIS A 125 2.44 -5.32 -1.02
CA HIS A 125 2.70 -3.91 -0.87
C HIS A 125 1.66 -3.26 0.02
N GLN A 126 2.09 -2.32 0.83
CA GLN A 126 1.12 -1.64 1.66
C GLN A 126 1.45 -0.19 1.81
N VAL A 127 0.43 0.58 2.15
CA VAL A 127 0.60 2.00 2.37
C VAL A 127 0.55 2.20 3.87
N ASN A 128 1.50 2.94 4.42
CA ASN A 128 1.51 3.20 5.85
C ASN A 128 1.39 4.68 6.13
N TYR A 129 0.68 4.99 7.20
CA TYR A 129 0.50 6.36 7.65
C TYR A 129 0.80 6.34 9.15
N GLU A 130 1.62 7.27 9.61
CA GLU A 130 1.98 7.34 11.01
C GLU A 130 2.06 8.79 11.51
N ALA A 131 1.41 9.05 12.65
CA ALA A 131 1.40 10.36 13.30
C ALA A 131 2.10 10.12 14.64
N LEU A 132 3.34 10.58 14.75
CA LEU A 132 4.13 10.37 15.98
C LEU A 132 4.39 11.62 16.79
N GLY A 133 4.38 11.47 18.11
CA GLY A 133 4.65 12.58 18.99
C GLY A 133 3.53 13.12 19.84
N SER A 134 2.31 12.63 19.66
CA SER A 134 1.21 13.15 20.44
C SER A 134 0.19 12.10 20.88
N GLU A 135 -0.41 12.33 22.04
CA GLU A 135 -1.41 11.44 22.60
C GLU A 135 -2.82 11.97 22.32
N ASN A 136 -2.89 13.17 21.76
CA ASN A 136 -4.17 13.82 21.45
C ASN A 136 -5.13 12.92 20.65
N PRO A 137 -6.35 12.70 21.18
CA PRO A 137 -7.37 11.86 20.52
C PRO A 137 -7.80 12.34 19.14
N ILE A 138 -7.50 13.60 18.83
CA ILE A 138 -7.83 14.12 17.52
C ILE A 138 -7.03 13.33 16.49
N LEU A 139 -5.80 12.96 16.82
CA LEU A 139 -4.97 12.22 15.88
C LEU A 139 -5.50 10.82 15.57
N ASP A 140 -6.15 10.20 16.56
CA ASP A 140 -6.71 8.87 16.36
C ASP A 140 -7.88 8.95 15.39
N ALA A 141 -8.75 9.93 15.60
CA ALA A 141 -9.89 10.12 14.72
C ALA A 141 -9.40 10.44 13.31
N GLU A 142 -8.32 11.20 13.23
CA GLU A 142 -7.76 11.58 11.93
C GLU A 142 -7.22 10.35 11.19
N ALA A 143 -6.53 9.48 11.92
CA ALA A 143 -5.98 8.26 11.32
C ALA A 143 -7.11 7.44 10.72
N VAL A 144 -8.20 7.30 11.47
CA VAL A 144 -9.37 6.55 11.03
C VAL A 144 -10.00 7.19 9.78
N VAL A 145 -10.29 8.49 9.86
CA VAL A 145 -10.88 9.19 8.72
C VAL A 145 -9.97 9.17 7.50
N LEU A 146 -8.66 9.34 7.71
CA LEU A 146 -7.72 9.32 6.59
C LEU A 146 -7.74 7.98 5.86
N LEU A 147 -7.80 6.88 6.60
CA LEU A 147 -7.86 5.55 6.00
C LEU A 147 -9.18 5.41 5.28
N TYR A 148 -10.25 5.80 5.96
CA TYR A 148 -11.59 5.74 5.38
C TYR A 148 -11.59 6.51 4.04
N GLU A 149 -11.04 7.72 4.06
CA GLU A 149 -10.96 8.56 2.87
C GLU A 149 -10.13 7.96 1.72
N CYS A 150 -8.95 7.44 2.02
CA CYS A 150 -8.13 6.84 0.97
C CYS A 150 -8.97 5.84 0.20
N LEU A 151 -9.69 5.00 0.95
CA LEU A 151 -10.51 3.95 0.36
C LEU A 151 -11.74 4.50 -0.36
N LYS A 152 -12.37 5.51 0.22
CA LYS A 152 -13.56 6.11 -0.39
C LYS A 152 -13.18 6.79 -1.71
N GLU A 153 -12.04 7.47 -1.71
CA GLU A 153 -11.57 8.17 -2.92
C GLU A 153 -11.25 7.20 -4.04
N LEU A 154 -10.94 5.95 -3.69
CA LEU A 154 -10.64 4.92 -4.68
C LEU A 154 -11.93 4.45 -5.36
N GLY A 155 -13.07 4.85 -4.80
CA GLY A 155 -14.33 4.44 -5.37
C GLY A 155 -15.03 3.33 -4.62
N LEU A 156 -14.36 2.76 -3.62
CA LEU A 156 -14.96 1.69 -2.85
C LEU A 156 -16.12 2.21 -2.02
N ARG A 157 -17.18 1.41 -1.92
CA ARG A 157 -18.35 1.76 -1.12
C ARG A 157 -18.64 0.56 -0.23
N ARG A 158 -19.63 0.67 0.65
CA ARG A 158 -19.92 -0.44 1.55
C ARG A 158 -18.70 -0.72 2.41
N LEU A 159 -18.09 0.35 2.90
CA LEU A 159 -16.91 0.27 3.75
C LEU A 159 -17.38 0.25 5.19
N LYS A 160 -16.99 -0.77 5.94
CA LYS A 160 -17.38 -0.89 7.34
C LYS A 160 -16.22 -0.53 8.28
N VAL A 161 -16.42 0.52 9.07
CA VAL A 161 -15.41 0.96 10.02
C VAL A 161 -15.65 0.36 11.40
N LYS A 162 -14.68 -0.37 11.93
CA LYS A 162 -14.82 -0.97 13.24
C LYS A 162 -13.80 -0.35 14.19
N LEU A 163 -14.31 0.14 15.31
CA LEU A 163 -13.50 0.82 16.31
C LEU A 163 -13.49 0.07 17.65
N SER A 164 -12.44 0.29 18.43
CA SER A 164 -12.31 -0.34 19.73
C SER A 164 -11.12 0.24 20.46
N SER A 165 -10.83 -0.33 21.63
CA SER A 165 -9.71 0.11 22.44
C SER A 165 -9.08 -1.06 23.16
N VAL A 166 -7.78 -0.96 23.41
CA VAL A 166 -7.07 -2.01 24.13
C VAL A 166 -6.59 -1.48 25.49
N GLY A 167 -7.05 -0.28 25.83
CA GLY A 167 -6.72 0.35 27.10
C GLY A 167 -5.27 0.69 27.41
N ASP A 168 -5.02 1.11 28.64
CA ASP A 168 -3.67 1.44 29.07
C ASP A 168 -3.02 0.18 29.65
N PRO A 169 -1.68 0.12 29.69
CA PRO A 169 -0.98 -1.05 30.22
C PRO A 169 -1.45 -1.57 31.58
N GLU A 170 -1.94 -0.68 32.44
CA GLU A 170 -2.42 -1.11 33.76
C GLU A 170 -3.76 -1.85 33.54
N ASP A 171 -4.48 -1.44 32.50
CA ASP A 171 -5.75 -2.06 32.17
C ASP A 171 -5.48 -3.41 31.53
N ARG A 172 -4.41 -3.47 30.74
CA ARG A 172 -4.05 -4.70 30.06
C ARG A 172 -3.51 -5.73 31.07
N ALA A 173 -2.93 -5.23 32.15
CA ALA A 173 -2.40 -6.11 33.18
C ALA A 173 -3.56 -6.87 33.86
N ARG A 174 -4.60 -6.13 34.24
CA ARG A 174 -5.76 -6.74 34.89
C ARG A 174 -6.43 -7.75 33.96
N TYR A 175 -6.59 -7.38 32.70
CA TYR A 175 -7.24 -8.27 31.74
C TYR A 175 -6.47 -9.59 31.62
N ASN A 176 -5.14 -9.50 31.56
CA ASN A 176 -4.31 -10.70 31.46
C ASN A 176 -4.50 -11.60 32.67
N ALA A 177 -4.65 -11.00 33.85
CA ALA A 177 -4.86 -11.79 35.05
C ALA A 177 -6.19 -12.52 34.86
N TYR A 178 -7.21 -11.76 34.51
CA TYR A 178 -8.53 -12.32 34.27
C TYR A 178 -8.43 -13.46 33.26
N LEU A 179 -7.66 -13.25 32.20
CA LEU A 179 -7.51 -14.28 31.19
C LEU A 179 -6.85 -15.53 31.77
N ARG A 180 -5.94 -15.35 32.71
CA ARG A 180 -5.27 -16.49 33.31
C ARG A 180 -6.29 -17.29 34.14
N GLU A 181 -7.13 -16.58 34.88
CA GLU A 181 -8.15 -17.24 35.70
C GLU A 181 -9.15 -18.03 34.86
N VAL A 182 -9.60 -17.44 33.77
CA VAL A 182 -10.57 -18.09 32.90
C VAL A 182 -10.00 -19.16 31.97
N LEU A 183 -8.78 -18.95 31.48
CA LEU A 183 -8.18 -19.90 30.56
C LEU A 183 -7.29 -20.97 31.17
N SER A 184 -6.87 -20.79 32.42
CA SER A 184 -6.01 -21.78 33.07
C SER A 184 -6.70 -23.14 33.23
N PRO A 185 -7.90 -23.17 33.84
CA PRO A 185 -8.58 -24.45 34.01
C PRO A 185 -8.99 -25.12 32.69
N HIS A 186 -8.55 -24.56 31.58
CA HIS A 186 -8.86 -25.11 30.25
C HIS A 186 -7.55 -25.27 29.47
N ARG A 187 -6.45 -25.27 30.19
CA ARG A 187 -5.11 -25.39 29.61
C ARG A 187 -5.02 -26.40 28.46
N GLU A 188 -5.30 -27.67 28.76
CA GLU A 188 -5.20 -28.71 27.74
C GLU A 188 -6.02 -28.48 26.47
N ALA A 189 -6.87 -27.45 26.48
CA ALA A 189 -7.67 -27.16 25.30
C ALA A 189 -6.87 -26.29 24.34
N LEU A 190 -5.90 -25.55 24.87
CA LEU A 190 -5.05 -24.70 24.05
C LEU A 190 -4.00 -25.61 23.38
N SER A 191 -2.78 -25.12 23.19
CA SER A 191 -1.73 -25.90 22.55
C SER A 191 -0.39 -25.20 22.60
N GLU A 192 0.67 -25.95 22.35
CA GLU A 192 2.07 -25.48 22.38
C GLU A 192 2.23 -24.06 22.90
N ASP A 193 2.32 -23.14 21.96
CA ASP A 193 2.50 -21.71 22.22
C ASP A 193 1.50 -21.10 23.19
N SER A 194 0.20 -21.32 22.92
CA SER A 194 -0.87 -20.78 23.76
C SER A 194 -0.73 -21.20 25.21
N LYS A 195 -0.17 -22.38 25.43
CA LYS A 195 0.02 -22.87 26.79
C LYS A 195 1.12 -22.05 27.44
N GLU A 196 2.12 -21.68 26.66
CA GLU A 196 3.25 -20.89 27.15
C GLU A 196 2.87 -19.42 27.29
N ARG A 197 1.92 -18.98 26.48
CA ARG A 197 1.44 -17.60 26.51
C ARG A 197 0.72 -17.30 27.83
N LEU A 198 0.09 -18.32 28.40
CA LEU A 198 -0.62 -18.15 29.66
C LEU A 198 0.28 -17.60 30.73
N GLU A 199 1.56 -17.97 30.70
CA GLU A 199 2.50 -17.51 31.70
C GLU A 199 3.21 -16.21 31.32
N GLU A 200 3.37 -15.99 30.02
CA GLU A 200 4.07 -14.79 29.54
C GLU A 200 3.18 -13.64 29.07
N ASN A 201 2.18 -13.93 28.25
CA ASN A 201 1.27 -12.91 27.73
C ASN A 201 -0.06 -13.51 27.30
N PRO A 202 -0.99 -13.69 28.24
CA PRO A 202 -2.31 -14.27 27.94
C PRO A 202 -3.06 -13.63 26.76
N MET A 203 -3.02 -12.31 26.66
CA MET A 203 -3.70 -11.62 25.56
C MET A 203 -3.26 -12.07 24.16
N ARG A 204 -2.07 -12.64 24.07
CA ARG A 204 -1.57 -13.10 22.78
C ARG A 204 -2.38 -14.31 22.32
N ILE A 205 -2.98 -15.03 23.27
CA ILE A 205 -3.79 -16.20 22.92
C ILE A 205 -5.01 -15.78 22.09
N LEU A 206 -5.46 -14.54 22.27
CA LEU A 206 -6.62 -14.05 21.54
C LEU A 206 -6.24 -13.64 20.12
N ASP A 207 -4.94 -13.57 19.85
CA ASP A 207 -4.45 -13.19 18.54
C ASP A 207 -3.85 -14.34 17.71
N SER A 208 -3.85 -15.56 18.24
CA SER A 208 -3.28 -16.69 17.50
C SER A 208 -4.27 -17.24 16.48
N LYS A 209 -3.78 -17.60 15.29
CA LYS A 209 -4.65 -18.12 14.25
C LYS A 209 -4.74 -19.64 14.29
N SER A 210 -4.63 -20.20 15.49
CA SER A 210 -4.70 -21.63 15.68
C SER A 210 -6.16 -22.04 15.81
N GLU A 211 -6.68 -22.73 14.79
CA GLU A 211 -8.07 -23.16 14.79
C GLU A 211 -8.48 -23.84 16.09
N ARG A 212 -7.54 -24.54 16.73
CA ARG A 212 -7.83 -25.21 17.99
C ARG A 212 -8.04 -24.17 19.09
N ASP A 213 -7.21 -23.13 19.10
CA ASP A 213 -7.31 -22.06 20.09
C ASP A 213 -8.56 -21.21 19.84
N GLN A 214 -8.84 -20.93 18.57
CA GLN A 214 -10.01 -20.12 18.21
C GLN A 214 -11.30 -20.83 18.63
N ALA A 215 -11.26 -22.16 18.62
CA ALA A 215 -12.42 -22.97 18.99
C ALA A 215 -12.76 -22.81 20.47
N LEU A 216 -11.78 -23.03 21.34
CA LEU A 216 -12.01 -22.89 22.78
C LEU A 216 -12.54 -21.50 23.10
N LEU A 217 -11.91 -20.49 22.50
CA LEU A 217 -12.31 -19.11 22.73
C LEU A 217 -13.75 -18.85 22.32
N LYS A 218 -14.16 -19.43 21.19
CA LYS A 218 -15.52 -19.28 20.71
C LYS A 218 -16.52 -19.90 21.68
N GLU A 219 -16.16 -21.03 22.29
CA GLU A 219 -17.04 -21.70 23.24
C GLU A 219 -17.11 -21.00 24.59
N LEU A 220 -15.96 -20.61 25.13
CA LEU A 220 -15.93 -19.96 26.42
C LEU A 220 -16.53 -18.55 26.34
N GLY A 221 -16.27 -17.87 25.23
CA GLY A 221 -16.80 -16.52 25.06
C GLY A 221 -16.40 -15.65 26.23
N VAL A 222 -15.09 -15.51 26.44
CA VAL A 222 -14.58 -14.69 27.54
C VAL A 222 -14.95 -13.23 27.33
N ARG A 223 -14.82 -12.44 28.38
CA ARG A 223 -15.15 -11.02 28.33
C ARG A 223 -14.12 -10.23 27.49
N PRO A 224 -14.61 -9.22 26.74
CA PRO A 224 -13.79 -8.36 25.87
C PRO A 224 -12.89 -7.40 26.65
N MET A 225 -11.76 -7.04 26.06
CA MET A 225 -10.82 -6.10 26.67
C MET A 225 -11.52 -4.75 26.88
N LEU A 226 -12.62 -4.55 26.15
CA LEU A 226 -13.41 -3.32 26.25
C LEU A 226 -14.00 -3.16 27.64
N ASP A 227 -14.38 -4.28 28.25
CA ASP A 227 -14.97 -4.27 29.58
C ASP A 227 -13.91 -3.95 30.63
N PHE A 228 -12.65 -3.83 30.21
CA PHE A 228 -11.58 -3.54 31.15
C PHE A 228 -10.88 -2.19 30.95
N LEU A 229 -11.48 -1.30 30.17
CA LEU A 229 -10.85 -0.01 29.95
C LEU A 229 -10.80 0.82 31.24
N GLY A 230 -9.63 1.37 31.53
CA GLY A 230 -9.48 2.18 32.73
C GLY A 230 -10.14 3.54 32.53
N GLU A 231 -10.10 4.37 33.57
CA GLU A 231 -10.70 5.71 33.52
C GLU A 231 -10.24 6.53 32.32
N GLU A 232 -8.93 6.76 32.23
CA GLU A 232 -8.35 7.56 31.15
C GLU A 232 -8.62 6.97 29.78
N ALA A 233 -8.54 5.64 29.69
CA ALA A 233 -8.75 4.92 28.45
C ALA A 233 -10.17 5.04 27.92
N ARG A 234 -11.14 5.09 28.82
CA ARG A 234 -12.54 5.20 28.43
C ARG A 234 -12.86 6.61 27.94
N ALA A 235 -12.19 7.59 28.53
CA ALA A 235 -12.40 8.99 28.17
C ALA A 235 -11.77 9.28 26.82
N HIS A 236 -10.63 8.66 26.56
CA HIS A 236 -9.93 8.85 25.30
C HIS A 236 -10.74 8.26 24.15
N LEU A 237 -11.29 7.07 24.37
CA LEU A 237 -12.11 6.42 23.37
C LEU A 237 -13.37 7.22 23.10
N LYS A 238 -13.94 7.82 24.15
CA LYS A 238 -15.14 8.62 23.96
C LYS A 238 -14.83 9.83 23.11
N GLU A 239 -13.65 10.43 23.32
CA GLU A 239 -13.24 11.58 22.51
C GLU A 239 -13.14 11.16 21.03
N VAL A 240 -12.47 10.04 20.78
CA VAL A 240 -12.32 9.56 19.41
C VAL A 240 -13.69 9.35 18.77
N GLU A 241 -14.61 8.74 19.52
CA GLU A 241 -15.95 8.49 19.02
C GLU A 241 -16.64 9.81 18.68
N ARG A 242 -16.51 10.79 19.56
CA ARG A 242 -17.14 12.09 19.35
C ARG A 242 -16.68 12.70 18.02
N HIS A 243 -15.37 12.66 17.75
CA HIS A 243 -14.86 13.22 16.51
C HIS A 243 -15.41 12.54 15.26
N LEU A 244 -15.48 11.21 15.26
CA LEU A 244 -15.99 10.49 14.09
C LEU A 244 -17.46 10.83 13.85
N GLU A 245 -18.23 10.93 14.92
CA GLU A 245 -19.64 11.27 14.79
C GLU A 245 -19.72 12.63 14.10
N ARG A 246 -18.94 13.58 14.62
CA ARG A 246 -18.89 14.93 14.09
C ARG A 246 -18.39 14.97 12.63
N LEU A 247 -17.66 13.95 12.20
CA LEU A 247 -17.16 13.89 10.84
C LEU A 247 -18.01 13.00 9.96
N SER A 248 -19.17 12.60 10.47
CA SER A 248 -20.08 11.74 9.73
C SER A 248 -19.46 10.42 9.28
N VAL A 249 -18.48 9.92 10.01
CA VAL A 249 -17.88 8.64 9.66
C VAL A 249 -18.62 7.53 10.39
N PRO A 250 -19.38 6.71 9.65
CA PRO A 250 -20.12 5.61 10.29
C PRO A 250 -19.17 4.56 10.84
N TYR A 251 -19.31 4.23 12.12
CA TYR A 251 -18.47 3.22 12.74
C TYR A 251 -19.28 2.34 13.67
N GLU A 252 -18.67 1.23 14.07
CA GLU A 252 -19.32 0.27 14.95
C GLU A 252 -18.28 -0.17 15.99
N LEU A 253 -18.65 -0.14 17.27
CA LEU A 253 -17.74 -0.58 18.32
C LEU A 253 -17.58 -2.09 18.14
N GLU A 254 -16.33 -2.57 18.12
CA GLU A 254 -16.04 -3.99 17.94
C GLU A 254 -15.23 -4.60 19.07
N PRO A 255 -15.91 -5.27 20.02
CA PRO A 255 -15.18 -5.89 21.14
C PRO A 255 -14.24 -7.01 20.69
N ALA A 256 -14.43 -7.51 19.47
CA ALA A 256 -13.59 -8.59 18.95
C ALA A 256 -12.24 -8.10 18.42
N LEU A 257 -12.10 -6.78 18.28
CA LEU A 257 -10.85 -6.21 17.79
C LEU A 257 -9.84 -6.23 18.93
N VAL A 258 -8.74 -6.94 18.75
CA VAL A 258 -7.74 -7.02 19.81
C VAL A 258 -6.31 -6.83 19.32
N ARG A 259 -5.44 -6.41 20.23
CA ARG A 259 -4.02 -6.18 19.95
C ARG A 259 -3.27 -6.82 21.11
N GLY A 260 -2.66 -7.98 20.84
CA GLY A 260 -1.95 -8.71 21.88
C GLY A 260 -0.62 -8.18 22.36
N LEU A 261 0.15 -7.57 21.46
CA LEU A 261 1.47 -7.05 21.82
C LEU A 261 1.39 -5.96 22.89
N ASP A 262 2.37 -5.98 23.79
CA ASP A 262 2.42 -5.03 24.90
C ASP A 262 2.57 -3.55 24.57
N TYR A 263 2.98 -3.20 23.36
CA TYR A 263 3.14 -1.79 23.03
C TYR A 263 1.91 -1.13 22.42
N TYR A 264 0.87 -1.92 22.16
CA TYR A 264 -0.36 -1.37 21.60
C TYR A 264 -1.19 -0.82 22.74
N VAL A 265 -1.70 0.39 22.56
CA VAL A 265 -2.46 1.07 23.59
C VAL A 265 -3.69 1.78 23.01
N ARG A 266 -4.71 1.93 23.84
CA ARG A 266 -5.95 2.60 23.45
C ARG A 266 -6.48 2.23 22.07
N THR A 267 -6.81 3.25 21.28
CA THR A 267 -7.39 3.08 19.95
C THR A 267 -6.90 1.96 19.04
N ALA A 268 -7.85 1.25 18.46
CA ALA A 268 -7.57 0.19 17.51
C ALA A 268 -8.75 0.29 16.56
N PHE A 269 -8.52 0.03 15.27
CA PHE A 269 -9.60 0.14 14.32
C PHE A 269 -9.30 -0.61 13.05
N GLU A 270 -10.35 -0.89 12.30
CA GLU A 270 -10.24 -1.61 11.04
C GLU A 270 -11.37 -1.19 10.11
N VAL A 271 -11.12 -1.34 8.82
CA VAL A 271 -12.12 -1.03 7.80
C VAL A 271 -12.31 -2.31 7.01
N HIS A 272 -13.53 -2.82 7.00
CA HIS A 272 -13.86 -4.06 6.29
C HIS A 272 -14.64 -3.81 5.01
N HIS A 273 -14.55 -4.76 4.09
CA HIS A 273 -15.27 -4.66 2.82
C HIS A 273 -15.78 -6.02 2.37
N SER A 280 -11.12 -9.94 4.61
CA SER A 280 -12.15 -8.94 4.34
C SER A 280 -11.68 -7.55 4.76
N ALA A 281 -10.77 -7.51 5.74
CA ALA A 281 -10.23 -6.25 6.23
C ALA A 281 -9.27 -5.68 5.20
N LEU A 282 -9.51 -4.44 4.79
CA LEU A 282 -8.67 -3.79 3.80
C LEU A 282 -7.47 -3.14 4.46
N GLY A 283 -7.66 -2.72 5.71
CA GLY A 283 -6.60 -2.06 6.45
C GLY A 283 -7.08 -1.72 7.84
N GLY A 284 -6.16 -1.24 8.68
CA GLY A 284 -6.52 -0.89 10.03
C GLY A 284 -5.31 -0.42 10.80
N GLY A 285 -5.48 -0.16 12.08
CA GLY A 285 -4.35 0.31 12.87
C GLY A 285 -4.72 0.71 14.27
N GLY A 286 -4.05 1.74 14.77
CA GLY A 286 -4.33 2.19 16.12
C GLY A 286 -3.12 2.82 16.76
N ARG A 287 -3.26 3.10 18.06
CA ARG A 287 -2.22 3.74 18.84
C ARG A 287 -1.22 2.71 19.36
N TYR A 288 0.06 3.10 19.42
CA TYR A 288 1.12 2.19 19.86
C TYR A 288 2.24 2.94 20.60
N ASP A 289 1.89 3.55 21.72
CA ASP A 289 2.82 4.33 22.51
C ASP A 289 4.13 3.74 23.05
N GLY A 290 4.23 2.43 23.22
CA GLY A 290 5.47 1.87 23.75
C GLY A 290 6.49 1.28 22.78
N LEU A 291 6.26 1.43 21.48
CA LEU A 291 7.17 0.88 20.48
C LEU A 291 8.52 1.58 20.43
N SER A 292 8.53 2.89 20.59
CA SER A 292 9.78 3.66 20.54
C SER A 292 10.78 3.19 21.60
N GLU A 293 10.32 3.10 22.84
CA GLU A 293 11.19 2.67 23.94
C GLU A 293 11.70 1.27 23.67
N LEU A 294 10.86 0.47 23.03
CA LEU A 294 11.19 -0.91 22.69
C LEU A 294 12.42 -0.93 21.76
N LEU A 295 12.57 0.12 20.97
CA LEU A 295 13.68 0.22 20.03
C LEU A 295 14.87 0.95 20.62
N GLY A 296 14.71 1.47 21.84
CA GLY A 296 15.80 2.16 22.47
C GLY A 296 15.66 3.67 22.52
N GLY A 297 14.55 4.19 22.04
CA GLY A 297 14.36 5.63 22.06
C GLY A 297 13.51 6.10 23.22
N PRO A 298 13.31 7.41 23.35
CA PRO A 298 12.49 7.92 24.45
C PRO A 298 11.04 7.57 24.18
N ARG A 299 10.15 8.02 25.04
CA ARG A 299 8.73 7.77 24.86
C ARG A 299 8.24 8.58 23.68
N VAL A 300 7.57 7.92 22.73
CA VAL A 300 7.02 8.60 21.57
C VAL A 300 5.64 8.06 21.25
N PRO A 301 4.58 8.82 21.60
CA PRO A 301 3.20 8.39 21.34
C PRO A 301 3.00 8.25 19.85
N GLY A 302 2.21 7.26 19.44
CA GLY A 302 2.00 7.08 18.02
C GLY A 302 0.66 6.49 17.68
N VAL A 303 0.19 6.76 16.47
CA VAL A 303 -1.09 6.24 16.01
C VAL A 303 -1.00 6.29 14.51
N GLY A 304 -1.57 5.29 13.85
CA GLY A 304 -1.53 5.25 12.40
C GLY A 304 -2.23 4.05 11.85
N PHE A 305 -1.98 3.73 10.58
CA PHE A 305 -2.61 2.58 9.95
C PHE A 305 -1.82 2.08 8.75
N ALA A 306 -2.24 0.95 8.21
CA ALA A 306 -1.65 0.37 7.03
C ALA A 306 -2.74 -0.37 6.31
N PHE A 307 -2.65 -0.44 4.99
CA PHE A 307 -3.60 -1.23 4.19
C PHE A 307 -2.83 -1.89 3.05
N GLY A 308 -3.26 -3.09 2.67
CA GLY A 308 -2.59 -3.81 1.61
C GLY A 308 -3.07 -3.39 0.24
N VAL A 309 -2.14 -2.99 -0.59
CA VAL A 309 -2.46 -2.57 -1.94
C VAL A 309 -3.19 -3.70 -2.70
N GLU A 310 -2.70 -4.93 -2.58
CA GLU A 310 -3.33 -6.05 -3.26
C GLU A 310 -4.74 -6.31 -2.71
N ARG A 311 -4.93 -6.13 -1.41
CA ARG A 311 -6.25 -6.33 -0.81
C ARG A 311 -7.22 -5.33 -1.43
N VAL A 312 -6.76 -4.09 -1.55
CA VAL A 312 -7.58 -3.02 -2.12
C VAL A 312 -7.87 -3.25 -3.60
N ALA A 313 -6.86 -3.65 -4.38
CA ALA A 313 -7.08 -3.91 -5.81
C ALA A 313 -8.13 -5.03 -5.96
N LEU A 314 -8.12 -5.99 -5.06
CA LEU A 314 -9.10 -7.07 -5.15
C LEU A 314 -10.49 -6.52 -4.82
N ALA A 315 -10.57 -5.68 -3.79
CA ALA A 315 -11.85 -5.10 -3.43
C ALA A 315 -12.41 -4.29 -4.59
N LEU A 316 -11.56 -3.52 -5.26
CA LEU A 316 -12.01 -2.72 -6.41
C LEU A 316 -12.51 -3.64 -7.50
N GLU A 317 -11.74 -4.69 -7.77
CA GLU A 317 -12.08 -5.68 -8.79
C GLU A 317 -13.45 -6.29 -8.46
N ALA A 318 -13.65 -6.65 -7.19
CA ALA A 318 -14.90 -7.23 -6.73
C ALA A 318 -16.08 -6.30 -6.99
N GLU A 319 -15.86 -4.99 -6.85
CA GLU A 319 -16.92 -4.02 -7.09
C GLU A 319 -17.07 -3.75 -8.59
N GLY A 320 -16.28 -4.44 -9.40
CA GLY A 320 -16.37 -4.27 -10.83
C GLY A 320 -15.49 -3.19 -11.44
N PHE A 321 -14.76 -2.44 -10.61
CA PHE A 321 -13.89 -1.39 -11.14
C PHE A 321 -12.91 -1.89 -12.21
N GLY A 322 -13.11 -1.42 -13.42
CA GLY A 322 -12.24 -1.80 -14.52
C GLY A 322 -11.35 -0.61 -14.82
N LEU A 323 -10.27 -0.85 -15.55
CA LEU A 323 -9.35 0.23 -15.90
C LEU A 323 -9.39 0.44 -17.40
N PRO A 324 -9.39 1.71 -17.85
CA PRO A 324 -9.42 1.95 -19.29
C PRO A 324 -8.22 1.32 -19.99
N GLU A 325 -8.21 1.36 -21.31
CA GLU A 325 -7.10 0.77 -22.06
C GLU A 325 -5.88 1.68 -22.06
N GLU A 326 -4.71 1.06 -22.17
CA GLU A 326 -3.43 1.77 -22.19
C GLU A 326 -3.47 2.74 -23.37
N LYS A 327 -3.07 3.99 -23.14
CA LYS A 327 -3.08 4.97 -24.22
C LYS A 327 -2.06 4.55 -25.28
N GLY A 328 -2.34 4.91 -26.53
CA GLY A 328 -1.44 4.56 -27.62
C GLY A 328 -0.48 5.70 -27.95
N PRO A 329 0.52 5.46 -28.79
CA PRO A 329 1.46 6.53 -29.13
C PRO A 329 0.77 7.62 -29.95
N ASP A 330 1.37 8.80 -29.96
CA ASP A 330 0.82 9.90 -30.73
C ASP A 330 1.08 9.66 -32.21
N LEU A 331 2.16 8.95 -32.51
CA LEU A 331 2.52 8.65 -33.89
C LEU A 331 3.17 7.27 -34.05
N TYR A 332 2.66 6.49 -35.00
CA TYR A 332 3.22 5.18 -35.30
C TYR A 332 3.68 5.22 -36.76
N LEU A 333 4.99 5.26 -36.96
CA LEU A 333 5.60 5.34 -38.27
C LEU A 333 5.78 4.01 -38.98
N ILE A 334 5.32 3.96 -40.24
CA ILE A 334 5.41 2.75 -41.03
C ILE A 334 6.39 2.94 -42.19
N PRO A 335 7.57 2.29 -42.11
CA PRO A 335 8.56 2.43 -43.20
C PRO A 335 8.09 1.51 -44.33
N LEU A 336 8.13 2.00 -45.56
CA LEU A 336 7.70 1.18 -46.69
C LEU A 336 8.84 0.42 -47.34
N THR A 337 10.05 0.97 -47.23
CA THR A 337 11.21 0.30 -47.79
C THR A 337 12.16 0.01 -46.64
N GLU A 338 13.18 -0.79 -46.91
CA GLU A 338 14.16 -1.15 -45.91
C GLU A 338 14.99 0.05 -45.49
N GLU A 339 15.28 0.95 -46.43
CA GLU A 339 16.07 2.14 -46.11
C GLU A 339 15.27 3.10 -45.25
N ALA A 340 13.94 3.04 -45.36
CA ALA A 340 13.06 3.91 -44.61
C ALA A 340 12.96 3.54 -43.13
N VAL A 341 13.34 2.31 -42.79
CA VAL A 341 13.31 1.84 -41.41
C VAL A 341 14.17 2.76 -40.54
N ALA A 342 15.38 3.02 -40.99
CA ALA A 342 16.29 3.90 -40.26
C ALA A 342 15.74 5.33 -40.21
N GLU A 343 15.18 5.78 -41.33
CA GLU A 343 14.62 7.12 -41.39
C GLU A 343 13.43 7.25 -40.45
N ALA A 344 12.69 6.16 -40.25
CA ALA A 344 11.53 6.20 -39.35
C ALA A 344 12.04 6.40 -37.92
N PHE A 345 13.17 5.78 -37.63
CA PHE A 345 13.79 5.86 -36.32
C PHE A 345 14.29 7.28 -36.10
N TYR A 346 14.94 7.87 -37.10
CA TYR A 346 15.48 9.22 -36.98
C TYR A 346 14.37 10.24 -36.76
N LEU A 347 13.25 10.05 -37.46
CA LEU A 347 12.11 10.94 -37.32
C LEU A 347 11.47 10.79 -35.94
N ALA A 348 11.23 9.56 -35.51
CA ALA A 348 10.64 9.34 -34.20
C ALA A 348 11.52 9.94 -33.11
N GLU A 349 12.83 9.76 -33.22
CA GLU A 349 13.74 10.31 -32.22
C GLU A 349 13.69 11.83 -32.20
N ALA A 350 13.42 12.45 -33.35
CA ALA A 350 13.34 13.90 -33.45
C ALA A 350 12.06 14.44 -32.80
N LEU A 351 11.07 13.56 -32.63
CA LEU A 351 9.80 13.93 -32.04
C LEU A 351 9.69 13.62 -30.55
N ARG A 352 10.58 12.77 -30.04
CA ARG A 352 10.58 12.39 -28.63
C ARG A 352 11.44 13.34 -27.81
N PRO A 353 11.16 13.47 -26.50
CA PRO A 353 10.08 12.77 -25.80
C PRO A 353 8.80 13.59 -25.65
N ARG A 354 8.75 14.77 -26.28
CA ARG A 354 7.56 15.61 -26.18
C ARG A 354 6.35 14.88 -26.73
N LEU A 355 6.59 14.06 -27.74
CA LEU A 355 5.52 13.28 -28.35
C LEU A 355 5.90 11.83 -28.22
N ARG A 356 4.92 10.94 -28.13
CA ARG A 356 5.22 9.52 -28.06
C ARG A 356 5.18 9.02 -29.51
N ALA A 357 6.34 8.73 -30.08
CA ALA A 357 6.41 8.27 -31.47
C ALA A 357 7.10 6.92 -31.59
N GLU A 358 6.41 5.97 -32.20
CA GLU A 358 6.95 4.65 -32.39
C GLU A 358 7.04 4.29 -33.86
N TYR A 359 7.74 3.21 -34.16
CA TYR A 359 7.91 2.82 -35.56
C TYR A 359 8.10 1.31 -35.68
N ALA A 360 7.75 0.77 -36.85
CA ALA A 360 7.90 -0.65 -37.11
C ALA A 360 9.35 -0.86 -37.56
N LEU A 361 9.93 -2.00 -37.21
CA LEU A 361 11.32 -2.30 -37.58
C LEU A 361 11.50 -2.92 -38.95
N ALA A 362 10.41 -3.34 -39.58
CA ALA A 362 10.52 -3.95 -40.91
C ALA A 362 9.52 -3.31 -41.85
N PRO A 363 9.80 -3.34 -43.17
CA PRO A 363 8.85 -2.72 -44.10
C PRO A 363 7.57 -3.56 -44.16
N ARG A 364 6.52 -2.96 -44.71
CA ARG A 364 5.25 -3.64 -44.87
C ARG A 364 4.39 -2.78 -45.79
N LYS A 365 3.30 -3.35 -46.29
CA LYS A 365 2.40 -2.62 -47.17
C LYS A 365 1.73 -1.50 -46.37
N PRO A 366 1.38 -0.39 -47.04
CA PRO A 366 0.74 0.75 -46.37
C PRO A 366 -0.50 0.33 -45.59
N ALA A 367 -1.33 -0.50 -46.22
CA ALA A 367 -2.57 -0.95 -45.61
C ALA A 367 -2.33 -1.76 -44.35
N LYS A 368 -1.36 -2.67 -44.39
CA LYS A 368 -1.05 -3.47 -43.21
C LYS A 368 -0.49 -2.59 -42.09
N GLY A 369 0.36 -1.64 -42.47
CA GLY A 369 0.93 -0.74 -41.48
C GLY A 369 -0.14 0.07 -40.81
N LEU A 370 -1.03 0.63 -41.62
CA LEU A 370 -2.12 1.45 -41.12
C LEU A 370 -2.96 0.59 -40.18
N GLU A 371 -3.08 -0.67 -40.53
CA GLU A 371 -3.81 -1.65 -39.76
C GLU A 371 -3.17 -1.79 -38.38
N GLU A 372 -1.84 -1.80 -38.34
CA GLU A 372 -1.12 -1.92 -37.07
C GLU A 372 -1.27 -0.67 -36.20
N ALA A 373 -1.31 0.50 -36.83
CA ALA A 373 -1.47 1.74 -36.10
C ALA A 373 -2.83 1.80 -35.41
N LEU A 374 -3.86 1.27 -36.07
CA LEU A 374 -5.20 1.24 -35.50
C LEU A 374 -5.23 0.36 -34.26
N LYS A 375 -4.62 -0.82 -34.38
CA LYS A 375 -4.59 -1.77 -33.28
C LYS A 375 -3.83 -1.22 -32.08
N ARG A 376 -2.80 -0.42 -32.34
CA ARG A 376 -1.98 0.15 -31.28
C ARG A 376 -2.57 1.44 -30.73
N GLY A 377 -3.71 1.84 -31.30
CA GLY A 377 -4.39 3.04 -30.85
C GLY A 377 -3.63 4.34 -31.04
N ALA A 378 -2.87 4.42 -32.13
CA ALA A 378 -2.11 5.64 -32.44
C ALA A 378 -3.04 6.77 -32.87
N ALA A 379 -2.68 8.00 -32.50
CA ALA A 379 -3.48 9.14 -32.90
C ALA A 379 -3.21 9.33 -34.39
N PHE A 380 -1.94 9.28 -34.78
CA PHE A 380 -1.55 9.42 -36.18
C PHE A 380 -0.72 8.25 -36.66
N ALA A 381 -0.79 8.00 -37.96
CA ALA A 381 -0.01 6.95 -38.58
C ALA A 381 0.91 7.74 -39.52
N GLY A 382 2.14 7.27 -39.70
CA GLY A 382 3.06 7.98 -40.58
C GLY A 382 3.61 7.02 -41.60
N PHE A 383 3.86 7.49 -42.81
CA PHE A 383 4.37 6.62 -43.84
C PHE A 383 5.63 7.18 -44.48
N LEU A 384 6.64 6.32 -44.57
CA LEU A 384 7.91 6.72 -45.17
C LEU A 384 8.31 5.73 -46.26
N GLY A 385 8.31 6.21 -47.50
CA GLY A 385 8.68 5.38 -48.61
C GLY A 385 9.70 6.10 -49.45
N GLU A 386 10.06 5.49 -50.57
CA GLU A 386 11.03 6.04 -51.50
C GLU A 386 10.68 7.49 -51.85
N ASP A 387 9.41 7.73 -52.14
CA ASP A 387 8.94 9.07 -52.51
C ASP A 387 9.18 10.12 -51.41
N GLU A 388 8.72 9.86 -50.19
CA GLU A 388 8.92 10.84 -49.14
C GLU A 388 10.39 10.97 -48.76
N LEU A 389 11.14 9.88 -48.88
CA LEU A 389 12.56 9.94 -48.55
C LEU A 389 13.31 10.86 -49.50
N ARG A 390 13.02 10.78 -50.80
CA ARG A 390 13.68 11.62 -51.78
C ARG A 390 13.27 13.08 -51.61
N ALA A 391 12.03 13.30 -51.18
CA ALA A 391 11.53 14.65 -51.00
C ALA A 391 11.79 15.20 -49.60
N GLY A 392 12.30 14.36 -48.70
CA GLY A 392 12.55 14.82 -47.33
C GLY A 392 11.22 15.23 -46.71
N GLU A 393 10.20 14.42 -46.94
CA GLU A 393 8.86 14.67 -46.42
C GLU A 393 8.30 13.45 -45.70
N VAL A 394 7.05 13.57 -45.27
CA VAL A 394 6.36 12.50 -44.57
C VAL A 394 4.87 12.59 -44.86
N THR A 395 4.19 11.45 -44.78
CA THR A 395 2.77 11.41 -45.01
C THR A 395 2.15 11.08 -43.66
N LEU A 396 1.20 11.89 -43.24
CA LEU A 396 0.54 11.66 -41.96
C LEU A 396 -0.95 11.42 -42.17
N LYS A 397 -1.53 10.61 -41.32
CA LYS A 397 -2.95 10.31 -41.42
C LYS A 397 -3.57 10.28 -40.04
N ARG A 398 -4.44 11.24 -39.75
CA ARG A 398 -5.09 11.26 -38.46
C ARG A 398 -6.07 10.10 -38.52
N LEU A 399 -5.78 9.04 -37.76
CA LEU A 399 -6.62 7.85 -37.78
C LEU A 399 -8.09 8.09 -37.48
N ALA A 400 -8.37 8.85 -36.43
CA ALA A 400 -9.75 9.14 -36.05
C ALA A 400 -10.62 9.82 -37.12
N THR A 401 -10.01 10.66 -37.96
CA THR A 401 -10.79 11.35 -38.99
C THR A 401 -10.42 10.97 -40.42
N GLY A 402 -9.37 10.16 -40.60
CA GLY A 402 -8.95 9.75 -41.92
C GLY A 402 -8.19 10.80 -42.71
N GLU A 403 -8.15 12.02 -42.20
CA GLU A 403 -7.43 13.11 -42.86
C GLU A 403 -5.96 12.75 -43.10
N GLN A 404 -5.52 12.81 -44.36
CA GLN A 404 -4.15 12.49 -44.71
C GLN A 404 -3.44 13.69 -45.32
N VAL A 405 -2.25 14.00 -44.79
CA VAL A 405 -1.49 15.14 -45.27
C VAL A 405 -0.03 14.80 -45.57
N ARG A 406 0.58 15.56 -46.48
CA ARG A 406 1.97 15.37 -46.85
C ARG A 406 2.73 16.62 -46.42
N LEU A 407 3.66 16.47 -45.49
CA LEU A 407 4.42 17.62 -45.03
C LEU A 407 5.91 17.30 -44.92
N SER A 408 6.72 18.35 -44.86
CA SER A 408 8.17 18.20 -44.74
C SER A 408 8.53 17.80 -43.31
N ARG A 409 9.69 17.19 -43.12
CA ARG A 409 10.12 16.76 -41.80
C ARG A 409 10.24 17.89 -40.78
N GLU A 410 10.61 19.08 -41.22
CA GLU A 410 10.76 20.20 -40.31
C GLU A 410 9.42 20.64 -39.73
N GLU A 411 8.33 20.36 -40.47
CA GLU A 411 6.99 20.77 -40.05
C GLU A 411 6.23 19.75 -39.23
N VAL A 412 6.71 18.52 -39.18
CA VAL A 412 6.01 17.47 -38.44
C VAL A 412 5.81 17.76 -36.95
N PRO A 413 6.88 18.16 -36.23
CA PRO A 413 6.71 18.43 -34.79
C PRO A 413 5.62 19.47 -34.54
N GLY A 414 5.73 20.60 -35.22
CA GLY A 414 4.76 21.67 -35.06
C GLY A 414 3.36 21.25 -35.42
N TYR A 415 3.21 20.59 -36.56
CA TYR A 415 1.91 20.15 -37.02
C TYR A 415 1.25 19.20 -36.01
N LEU A 416 2.01 18.21 -35.55
CA LEU A 416 1.50 17.24 -34.59
C LEU A 416 1.10 17.90 -33.28
N LEU A 417 1.88 18.88 -32.85
CA LEU A 417 1.60 19.58 -31.60
C LEU A 417 0.33 20.43 -31.71
N GLN A 418 0.15 21.08 -32.86
CA GLN A 418 -1.03 21.90 -33.08
C GLN A 418 -2.27 21.01 -33.13
N ALA A 419 -2.11 19.80 -33.62
CA ALA A 419 -3.22 18.86 -33.74
C ALA A 419 -3.53 18.10 -32.46
N LEU A 420 -2.51 17.82 -31.66
CA LEU A 420 -2.69 17.09 -30.42
C LEU A 420 -2.79 18.01 -29.21
N GLY A 421 -3.04 19.30 -29.47
CA GLY A 421 -3.14 20.26 -28.39
C GLY A 421 -4.40 20.09 -27.56
S SO4 B . -3.72 5.26 -15.69
O1 SO4 B . -4.97 4.95 -16.42
O2 SO4 B . -4.04 5.58 -14.29
O3 SO4 B . -3.05 6.42 -16.30
O4 SO4 B . -2.82 4.09 -15.75
#